data_2ARR
#
_entry.id   2ARR
#
_cell.length_a   91.952
_cell.length_b   103.802
_cell.length_c   41.406
_cell.angle_alpha   90.00
_cell.angle_beta   90.00
_cell.angle_gamma   90.00
#
_symmetry.space_group_name_H-M   'P 21 21 2'
#
loop_
_entity.id
_entity.type
_entity.pdbx_description
1 polymer 'Plasminogen activator inhibitor-2'
2 polymer '14-mer from Plasminogen activator inhibitor-2'
3 water water
#
loop_
_entity_poly.entity_id
_entity_poly.type
_entity_poly.pdbx_seq_one_letter_code
_entity_poly.pdbx_strand_id
1 'polypeptide(L)'
;MEDLCVANTLFALNLFKHLAKASPTQNLFLSPWSISSTMAMVYMGSRGSTEDQMASVLQFNEVGAAADKIHSSFRSLSSA
INASTGNYLLESVNKLFGEKSASFREEYIRLCQKYYSSEPQAVDFLECAEEARKKINSWVKTQTKGKIPNLLPEGSVDGD
TRMVLVNAVYFKGKWKTPFEKKLNGLFPFRVNSAQRTPVQMMYLREKLNIGYIEDLKAQILELPYAGDVSMFLLLPDEIA
DVSTGLELLESEITYDKLNKWTSKDKMAEDEVEVYIPQFKLEEHYELRSILRSMGMEDAFNKGRANFSGMSERNDLFLSE
VFHQAMVDVNEEGTEAAAGTGGVMTGRTGHGGPQFVADHPFLFLIMHKITNCILFFGRFSSP
;
A
2 'polypeptide(L)' (ACE)TEAAAGMGGVMTGR P
#
loop_
_chem_comp.id
_chem_comp.type
_chem_comp.name
_chem_comp.formula
ACE non-polymer 'ACETYL GROUP' 'C2 H4 O'
#
# COMPACT_ATOMS: atom_id res chain seq x y z
N ASP A 3 -1.08 -3.62 -19.18
CA ASP A 3 -1.31 -2.99 -17.85
C ASP A 3 0.02 -2.42 -17.34
N LEU A 4 0.15 -1.11 -17.33
CA LEU A 4 1.47 -0.56 -17.04
C LEU A 4 1.90 -0.59 -15.54
N CYS A 5 1.05 -1.16 -14.67
N CYS A 5 1.07 -1.22 -14.71
CA CYS A 5 1.34 -1.32 -13.21
CA CYS A 5 1.26 -1.32 -13.26
C CYS A 5 1.24 -2.80 -12.78
C CYS A 5 1.37 -2.77 -12.77
N VAL A 6 1.47 -3.70 -13.72
CA VAL A 6 1.38 -5.12 -13.45
C VAL A 6 2.42 -5.62 -12.44
N ALA A 7 3.69 -5.23 -12.57
CA ALA A 7 4.72 -5.70 -11.59
C ALA A 7 4.29 -5.32 -10.18
N ASN A 8 3.84 -4.07 -10.03
CA ASN A 8 3.47 -3.58 -8.73
C ASN A 8 2.32 -4.34 -8.09
N THR A 9 1.34 -4.70 -8.94
CA THR A 9 0.21 -5.49 -8.48
C THR A 9 0.61 -6.94 -8.12
N LEU A 10 1.43 -7.52 -8.98
CA LEU A 10 1.93 -8.85 -8.66
C LEU A 10 2.67 -8.90 -7.31
N PHE A 11 3.54 -7.92 -7.11
CA PHE A 11 4.27 -7.80 -5.83
C PHE A 11 3.29 -7.57 -4.65
N ALA A 12 2.35 -6.66 -4.87
CA ALA A 12 1.34 -6.35 -3.86
C ALA A 12 0.65 -7.62 -3.32
N LEU A 13 0.17 -8.42 -4.25
CA LEU A 13 -0.52 -9.65 -3.88
C LEU A 13 0.41 -10.66 -3.19
N ASN A 14 1.65 -10.76 -3.65
N ASN A 14 1.65 -10.80 -3.66
CA ASN A 14 2.56 -11.72 -3.05
CA ASN A 14 2.57 -11.73 -3.01
C ASN A 14 2.99 -11.25 -1.65
C ASN A 14 2.90 -11.24 -1.61
N LEU A 15 3.16 -9.94 -1.51
CA LEU A 15 3.44 -9.36 -0.24
C LEU A 15 2.25 -9.57 0.74
N PHE A 16 1.06 -9.34 0.26
CA PHE A 16 -0.13 -9.54 1.09
C PHE A 16 -0.22 -10.97 1.58
N LYS A 17 0.10 -11.93 0.71
CA LYS A 17 0.03 -13.32 1.12
C LYS A 17 1.06 -13.66 2.15
N HIS A 18 2.26 -13.11 2.01
CA HIS A 18 3.33 -13.39 2.97
C HIS A 18 3.06 -12.73 4.28
N LEU A 19 2.51 -11.52 4.23
CA LEU A 19 2.18 -10.78 5.41
C LEU A 19 1.07 -11.48 6.18
N ALA A 20 0.10 -12.05 5.45
CA ALA A 20 -0.99 -12.82 6.04
C ALA A 20 -0.49 -14.07 6.80
N LYS A 21 0.70 -14.58 6.50
CA LYS A 21 1.24 -15.67 7.33
C LYS A 21 1.56 -15.13 8.72
N ALA A 22 2.07 -13.91 8.77
CA ALA A 22 2.42 -13.29 10.01
C ALA A 22 1.17 -12.86 10.70
N SER A 23 0.15 -12.46 9.93
CA SER A 23 -1.07 -11.92 10.52
C SER A 23 -2.30 -12.46 9.79
N PRO A 24 -2.71 -13.65 10.14
CA PRO A 24 -3.73 -14.36 9.36
C PRO A 24 -5.15 -13.85 9.49
N THR A 25 -5.50 -13.13 10.55
CA THR A 25 -6.90 -12.78 10.78
C THR A 25 -7.24 -11.34 11.15
N GLN A 26 -6.31 -10.60 11.75
CA GLN A 26 -6.59 -9.25 12.21
C GLN A 26 -6.69 -8.26 11.04
N ASN A 27 -7.15 -7.04 11.30
CA ASN A 27 -7.19 -6.01 10.24
C ASN A 27 -5.75 -5.85 9.67
N LEU A 28 -5.70 -5.54 8.39
N LEU A 28 -5.70 -5.68 8.35
CA LEU A 28 -4.44 -5.44 7.67
CA LEU A 28 -4.46 -5.37 7.62
C LEU A 28 -4.64 -4.31 6.66
C LEU A 28 -4.71 -4.19 6.72
N PHE A 29 -3.68 -3.37 6.59
CA PHE A 29 -3.78 -2.23 5.69
C PHE A 29 -2.43 -1.74 5.24
N LEU A 30 -2.26 -1.59 3.94
N LEU A 30 -2.26 -1.68 3.92
CA LEU A 30 -0.98 -1.13 3.44
CA LEU A 30 -0.99 -1.37 3.24
C LEU A 30 -1.18 -0.40 2.09
C LEU A 30 -1.20 -0.38 2.09
N SER A 31 -0.10 0.23 1.64
CA SER A 31 -0.06 0.91 0.35
C SER A 31 0.99 0.24 -0.49
N PRO A 32 0.55 -0.64 -1.37
CA PRO A 32 1.54 -1.29 -2.20
C PRO A 32 2.34 -0.28 -3.05
N TRP A 33 1.67 0.76 -3.54
CA TRP A 33 2.32 1.81 -4.34
C TRP A 33 3.50 2.41 -3.53
N SER A 34 3.26 2.75 -2.28
CA SER A 34 4.30 3.36 -1.45
C SER A 34 5.49 2.42 -1.25
N ILE A 35 5.16 1.15 -0.98
CA ILE A 35 6.20 0.16 -0.79
C ILE A 35 7.05 -0.01 -2.00
N SER A 36 6.39 -0.21 -3.11
CA SER A 36 7.08 -0.42 -4.41
C SER A 36 7.95 0.77 -4.77
N SER A 37 7.51 1.98 -4.50
N SER A 37 7.49 1.98 -4.51
CA SER A 37 8.28 3.17 -4.86
CA SER A 37 8.29 3.19 -4.83
C SER A 37 9.57 3.26 -4.06
C SER A 37 9.57 3.21 -4.07
N THR A 38 9.49 3.03 -2.76
CA THR A 38 10.67 3.07 -1.94
C THR A 38 11.59 1.94 -2.35
N MET A 39 11.04 0.74 -2.51
CA MET A 39 11.90 -0.40 -2.86
C MET A 39 12.57 -0.26 -4.25
N ALA A 40 11.91 0.42 -5.18
CA ALA A 40 12.55 0.70 -6.51
C ALA A 40 13.75 1.65 -6.32
N MET A 41 13.63 2.63 -5.43
CA MET A 41 14.78 3.52 -5.14
C MET A 41 15.95 2.72 -4.54
N VAL A 42 15.65 1.78 -3.62
CA VAL A 42 16.63 0.91 -3.04
C VAL A 42 17.27 0.02 -4.12
N TYR A 43 16.42 -0.53 -4.97
CA TYR A 43 16.88 -1.36 -6.09
C TYR A 43 17.86 -0.65 -6.99
N MET A 44 17.61 0.62 -7.25
CA MET A 44 18.48 1.42 -8.11
C MET A 44 19.92 1.39 -7.58
N GLY A 45 20.09 1.25 -6.26
CA GLY A 45 21.40 1.19 -5.60
C GLY A 45 22.07 -0.17 -5.54
N SER A 46 21.29 -1.22 -5.80
CA SER A 46 21.76 -2.62 -5.63
C SER A 46 22.53 -3.12 -6.82
N ARG A 47 23.44 -4.06 -6.54
CA ARG A 47 24.14 -4.70 -7.61
C ARG A 47 24.28 -6.19 -7.30
N GLY A 48 24.85 -6.93 -8.22
CA GLY A 48 25.10 -8.35 -7.97
C GLY A 48 23.87 -9.16 -7.58
N SER A 49 24.08 -10.16 -6.71
CA SER A 49 23.00 -11.02 -6.31
C SER A 49 21.90 -10.26 -5.55
N THR A 50 22.29 -9.17 -4.90
CA THR A 50 21.29 -8.33 -4.17
C THR A 50 20.28 -7.80 -5.19
N GLU A 51 20.80 -7.25 -6.28
CA GLU A 51 20.00 -6.71 -7.37
C GLU A 51 19.12 -7.80 -8.02
N ASP A 52 19.74 -8.94 -8.31
CA ASP A 52 19.03 -9.95 -9.04
C ASP A 52 17.84 -10.41 -8.18
N GLN A 53 18.06 -10.57 -6.87
CA GLN A 53 16.94 -11.00 -6.00
C GLN A 53 15.86 -9.93 -5.89
N MET A 54 16.30 -8.69 -5.76
CA MET A 54 15.30 -7.64 -5.66
C MET A 54 14.40 -7.57 -6.91
N ALA A 55 14.97 -7.64 -8.12
CA ALA A 55 14.19 -7.62 -9.34
C ALA A 55 13.19 -8.74 -9.39
N SER A 56 13.60 -9.90 -8.89
N SER A 56 13.57 -9.93 -8.92
CA SER A 56 12.71 -11.03 -8.83
CA SER A 56 12.60 -11.02 -8.88
C SER A 56 11.52 -10.77 -7.90
C SER A 56 11.47 -10.70 -7.92
N VAL A 57 11.82 -10.32 -6.69
CA VAL A 57 10.80 -10.14 -5.67
C VAL A 57 9.83 -9.02 -6.03
N LEU A 58 10.37 -7.95 -6.58
CA LEU A 58 9.54 -6.78 -6.96
C LEU A 58 8.76 -6.96 -8.23
N GLN A 59 9.00 -8.08 -8.92
CA GLN A 59 8.24 -8.59 -10.09
C GLN A 59 8.56 -7.85 -11.38
N PHE A 60 9.76 -7.28 -11.42
CA PHE A 60 10.26 -6.64 -12.62
C PHE A 60 10.53 -7.69 -13.73
N ASN A 61 10.99 -8.87 -13.36
CA ASN A 61 11.24 -9.96 -14.34
C ASN A 61 9.98 -10.63 -14.88
N GLU A 62 8.87 -10.49 -14.16
CA GLU A 62 7.59 -11.10 -14.58
C GLU A 62 7.00 -10.50 -15.85
N VAL A 63 7.34 -9.24 -16.12
CA VAL A 63 7.05 -8.59 -17.41
C VAL A 63 8.33 -8.44 -18.25
N LYS A 69 13.91 0.27 -18.29
CA LYS A 69 12.77 1.13 -18.29
C LYS A 69 11.95 1.05 -16.99
N ILE A 70 12.49 0.39 -15.96
CA ILE A 70 11.83 0.31 -14.67
C ILE A 70 11.70 1.72 -14.08
N HIS A 71 12.82 2.42 -14.01
CA HIS A 71 12.81 3.71 -13.31
C HIS A 71 12.04 4.74 -14.09
N SER A 72 12.16 4.71 -15.41
CA SER A 72 11.29 5.59 -16.20
C SER A 72 9.79 5.25 -16.05
N SER A 73 9.44 3.99 -15.83
CA SER A 73 8.04 3.61 -15.62
C SER A 73 7.54 4.16 -14.30
N PHE A 74 8.36 4.08 -13.26
CA PHE A 74 7.97 4.70 -11.99
C PHE A 74 7.77 6.20 -12.15
N ARG A 75 8.67 6.87 -12.85
CA ARG A 75 8.51 8.31 -13.11
C ARG A 75 7.19 8.64 -13.81
N SER A 76 6.83 7.89 -14.83
CA SER A 76 5.54 8.17 -15.53
C SER A 76 4.33 7.81 -14.71
N LEU A 77 4.40 6.71 -13.96
CA LEU A 77 3.28 6.31 -13.14
C LEU A 77 3.08 7.36 -12.06
N SER A 78 4.17 7.82 -11.46
N SER A 78 4.18 7.83 -11.49
CA SER A 78 4.03 8.78 -10.39
CA SER A 78 4.17 8.83 -10.43
C SER A 78 3.42 10.05 -10.96
C SER A 78 3.57 10.15 -10.89
N SER A 79 3.93 10.50 -12.09
N SER A 79 3.90 10.52 -12.13
CA SER A 79 3.35 11.69 -12.71
CA SER A 79 3.32 11.73 -12.71
C SER A 79 1.83 11.61 -12.84
C SER A 79 1.81 11.63 -12.87
N ALA A 80 1.36 10.46 -13.33
CA ALA A 80 -0.09 10.20 -13.50
C ALA A 80 -0.81 10.21 -12.14
N ILE A 81 -0.22 9.57 -11.15
CA ILE A 81 -0.85 9.58 -9.82
C ILE A 81 -0.91 10.98 -9.20
N ASN A 82 0.09 11.80 -9.47
CA ASN A 82 0.15 13.15 -8.92
C ASN A 82 -0.59 14.23 -9.72
N ALA A 83 -1.14 13.86 -10.86
CA ALA A 83 -1.77 14.88 -11.74
C ALA A 83 -2.89 15.62 -10.99
N SER A 84 -2.90 16.96 -11.08
CA SER A 84 -3.97 17.76 -10.42
C SER A 84 -5.33 17.44 -11.02
N THR A 85 -6.35 17.25 -10.16
CA THR A 85 -7.66 16.85 -10.71
C THR A 85 -8.89 17.68 -10.34
N GLY A 86 -8.89 18.32 -9.19
CA GLY A 86 -10.12 18.90 -8.66
C GLY A 86 -11.07 17.92 -7.99
N ASN A 87 -11.00 16.64 -8.35
CA ASN A 87 -11.95 15.63 -7.82
C ASN A 87 -11.57 15.03 -6.45
N TYR A 88 -10.29 15.10 -6.11
CA TYR A 88 -9.76 14.53 -4.88
C TYR A 88 -8.36 15.03 -4.71
N LEU A 89 -7.80 14.80 -3.52
CA LEU A 89 -6.43 15.09 -3.17
C LEU A 89 -5.67 13.77 -3.26
N LEU A 90 -4.57 13.75 -4.01
CA LEU A 90 -3.75 12.54 -4.16
C LEU A 90 -2.32 12.98 -4.44
N GLU A 91 -1.41 12.62 -3.54
CA GLU A 91 -0.05 13.03 -3.64
C GLU A 91 0.82 11.85 -3.24
N SER A 92 1.87 11.64 -4.03
CA SER A 92 2.93 10.70 -3.72
C SER A 92 4.24 11.46 -3.84
N VAL A 93 5.08 11.35 -2.82
CA VAL A 93 6.32 12.07 -2.77
C VAL A 93 7.41 11.18 -2.19
N ASN A 94 8.55 11.12 -2.88
CA ASN A 94 9.75 10.42 -2.41
C ASN A 94 10.75 11.39 -1.81
N LYS A 95 11.62 10.88 -0.93
CA LYS A 95 12.64 11.70 -0.31
C LYS A 95 13.79 10.82 0.11
N LEU A 96 15.00 11.35 -0.05
CA LEU A 96 16.25 10.69 0.36
C LEU A 96 16.91 11.52 1.44
N PHE A 97 17.18 10.95 2.60
CA PHE A 97 17.95 11.58 3.68
C PHE A 97 19.27 10.86 3.85
N GLY A 98 20.38 11.58 3.70
CA GLY A 98 21.67 10.94 3.74
C GLY A 98 22.63 11.51 4.77
N GLU A 99 23.46 10.64 5.31
CA GLU A 99 24.50 11.09 6.27
C GLU A 99 25.36 12.17 5.62
N LYS A 100 25.45 13.33 6.28
CA LYS A 100 26.14 14.48 5.72
C LYS A 100 27.64 14.29 5.46
N SER A 101 28.29 13.42 6.22
CA SER A 101 29.71 13.12 6.01
C SER A 101 29.96 11.99 5.03
N ALA A 102 28.88 11.39 4.50
CA ALA A 102 29.03 10.25 3.59
C ALA A 102 29.19 10.78 2.18
N SER A 103 29.87 10.02 1.34
CA SER A 103 29.95 10.35 -0.09
C SER A 103 29.29 9.25 -0.90
N PHE A 104 28.14 9.57 -1.47
CA PHE A 104 27.43 8.59 -2.28
C PHE A 104 27.82 8.75 -3.75
N ARG A 105 27.56 7.74 -4.55
CA ARG A 105 27.84 7.77 -5.99
C ARG A 105 27.07 8.91 -6.63
N GLU A 106 27.76 9.76 -7.38
CA GLU A 106 27.06 10.88 -7.98
C GLU A 106 25.93 10.45 -8.93
N GLU A 107 26.13 9.41 -9.74
CA GLU A 107 25.12 8.86 -10.63
C GLU A 107 23.89 8.40 -9.85
N TYR A 108 24.09 7.83 -8.66
CA TYR A 108 22.93 7.38 -7.89
C TYR A 108 22.07 8.55 -7.44
N ILE A 109 22.69 9.58 -6.87
CA ILE A 109 21.96 10.76 -6.41
C ILE A 109 21.28 11.42 -7.58
N ARG A 110 21.97 11.53 -8.72
CA ARG A 110 21.39 12.13 -9.90
C ARG A 110 20.18 11.39 -10.42
N LEU A 111 20.33 10.07 -10.55
CA LEU A 111 19.27 9.30 -11.17
C LEU A 111 18.08 9.11 -10.22
N CYS A 112 18.35 9.09 -8.94
CA CYS A 112 17.28 8.96 -7.98
C CYS A 112 16.45 10.26 -8.01
N GLN A 113 17.10 11.41 -8.12
CA GLN A 113 16.39 12.67 -8.32
C GLN A 113 15.63 12.68 -9.64
N LYS A 114 16.29 12.26 -10.72
CA LYS A 114 15.66 12.24 -12.04
C LYS A 114 14.37 11.41 -12.10
N TYR A 115 14.44 10.18 -11.58
CA TYR A 115 13.31 9.28 -11.75
C TYR A 115 12.32 9.25 -10.56
N TYR A 116 12.75 9.71 -9.39
CA TYR A 116 11.91 9.64 -8.19
C TYR A 116 11.68 11.00 -7.58
N SER A 117 12.32 12.05 -8.11
CA SER A 117 12.14 13.39 -7.54
C SER A 117 12.32 13.42 -5.99
N SER A 118 13.40 12.82 -5.51
CA SER A 118 13.59 12.59 -4.09
C SER A 118 14.36 13.63 -3.30
N GLU A 119 14.74 14.70 -3.99
CA GLU A 119 15.31 15.90 -3.38
C GLU A 119 16.27 15.55 -2.23
N PRO A 120 17.36 14.85 -2.58
CA PRO A 120 18.33 14.31 -1.61
C PRO A 120 18.80 15.37 -0.64
N GLN A 121 18.67 15.09 0.65
CA GLN A 121 18.97 16.02 1.74
C GLN A 121 19.94 15.44 2.74
N ALA A 122 20.96 16.24 3.12
CA ALA A 122 21.89 15.81 4.15
C ALA A 122 21.35 15.99 5.56
N VAL A 123 21.60 14.97 6.38
CA VAL A 123 21.29 14.97 7.81
C VAL A 123 22.45 14.33 8.59
N ASP A 124 22.52 14.59 9.91
CA ASP A 124 23.61 14.11 10.77
C ASP A 124 23.17 12.86 11.53
N PHE A 125 23.23 11.72 10.85
CA PHE A 125 22.97 10.47 11.54
C PHE A 125 24.13 10.12 12.44
N LEU A 126 25.33 10.45 11.99
CA LEU A 126 26.56 10.02 12.66
C LEU A 126 26.61 10.42 14.13
N GLU A 127 26.15 11.63 14.42
CA GLU A 127 26.21 12.25 15.75
C GLU A 127 24.86 12.63 16.33
N CYS A 128 23.85 12.80 15.47
CA CYS A 128 22.56 13.32 15.88
C CYS A 128 21.42 12.47 15.30
N ALA A 129 21.53 11.16 15.48
CA ALA A 129 20.58 10.21 14.87
C ALA A 129 19.15 10.43 15.33
N GLU A 130 18.99 10.68 16.62
CA GLU A 130 17.67 10.83 17.12
C GLU A 130 17.01 12.13 16.60
N GLU A 131 17.80 13.19 16.44
CA GLU A 131 17.27 14.42 15.83
C GLU A 131 16.89 14.14 14.35
N ALA A 132 17.73 13.38 13.67
CA ALA A 132 17.46 12.98 12.27
C ALA A 132 16.16 12.18 12.18
N ARG A 133 15.98 11.19 13.05
CA ARG A 133 14.72 10.44 13.09
C ARG A 133 13.53 11.33 13.20
N LYS A 134 13.64 12.28 14.14
CA LYS A 134 12.54 13.25 14.32
C LYS A 134 12.27 14.11 13.12
N LYS A 135 13.34 14.55 12.45
CA LYS A 135 13.26 15.36 11.24
C LYS A 135 12.55 14.57 10.11
N ILE A 136 12.96 13.31 9.94
CA ILE A 136 12.32 12.45 8.92
C ILE A 136 10.85 12.22 9.21
N ASN A 137 10.54 11.84 10.44
CA ASN A 137 9.16 11.64 10.88
C ASN A 137 8.29 12.87 10.67
N SER A 138 8.89 14.03 10.96
CA SER A 138 8.17 15.28 10.79
C SER A 138 7.85 15.58 9.32
N TRP A 139 8.79 15.25 8.43
CA TRP A 139 8.60 15.42 6.98
C TRP A 139 7.45 14.51 6.52
N VAL A 140 7.46 13.27 6.97
CA VAL A 140 6.37 12.38 6.58
C VAL A 140 5.04 12.82 7.17
N LYS A 141 5.07 13.31 8.42
CA LYS A 141 3.86 13.81 9.00
C LYS A 141 3.27 14.93 8.14
N THR A 142 4.10 15.87 7.75
CA THR A 142 3.64 16.97 6.90
C THR A 142 3.06 16.51 5.57
N GLN A 143 3.73 15.55 4.93
CA GLN A 143 3.29 15.11 3.61
C GLN A 143 1.97 14.36 3.70
N THR A 144 1.71 13.73 4.84
CA THR A 144 0.47 12.99 5.06
C THR A 144 -0.60 13.75 5.87
N LYS A 145 -0.41 15.08 5.96
CA LYS A 145 -1.42 15.96 6.57
C LYS A 145 -1.72 15.51 7.99
N GLY A 146 -0.65 15.06 8.67
CA GLY A 146 -0.64 14.61 10.05
C GLY A 146 -1.04 13.19 10.31
N LYS A 147 -1.41 12.46 9.26
CA LYS A 147 -2.00 11.15 9.44
C LYS A 147 -0.99 10.02 9.75
N ILE A 148 0.28 10.22 9.38
CA ILE A 148 1.38 9.27 9.65
C ILE A 148 2.46 10.05 10.39
N PRO A 149 2.28 10.21 11.69
CA PRO A 149 3.17 11.09 12.47
C PRO A 149 4.55 10.57 12.90
N ASN A 150 4.71 9.25 13.02
CA ASN A 150 5.94 8.69 13.52
C ASN A 150 6.25 7.40 12.77
N LEU A 151 6.61 7.57 11.51
CA LEU A 151 6.95 6.43 10.67
C LEU A 151 8.03 5.56 11.23
N LEU A 152 9.16 6.18 11.58
CA LEU A 152 10.31 5.46 12.08
C LEU A 152 10.28 5.34 13.61
N PRO A 153 10.18 4.11 14.14
CA PRO A 153 10.07 3.97 15.59
C PRO A 153 11.40 4.24 16.30
N GLU A 154 11.34 4.34 17.62
CA GLU A 154 12.56 4.44 18.40
C GLU A 154 13.52 3.32 18.10
N GLY A 155 14.78 3.70 17.91
CA GLY A 155 15.85 2.74 17.66
C GLY A 155 16.09 2.32 16.23
N SER A 156 15.21 2.78 15.34
CA SER A 156 15.31 2.44 13.90
C SER A 156 16.45 3.11 13.17
N VAL A 157 16.96 4.19 13.73
CA VAL A 157 18.08 4.95 13.16
C VAL A 157 19.14 5.05 14.25
N ASP A 158 20.39 5.02 13.85
CA ASP A 158 21.47 5.14 14.84
C ASP A 158 22.69 5.73 14.17
N GLY A 159 23.82 5.78 14.90
CA GLY A 159 25.01 6.37 14.37
C GLY A 159 25.58 5.74 13.11
N ASP A 160 25.16 4.52 12.82
CA ASP A 160 25.63 3.79 11.66
C ASP A 160 24.67 3.96 10.47
N THR A 161 23.55 4.62 10.67
CA THR A 161 22.62 4.82 9.55
C THR A 161 23.29 5.74 8.54
N ARG A 162 23.19 5.40 7.25
CA ARG A 162 23.77 6.24 6.21
C ARG A 162 22.77 6.88 5.25
N MET A 163 21.63 6.25 5.01
CA MET A 163 20.64 6.76 4.10
C MET A 163 19.30 6.23 4.52
N VAL A 164 18.28 7.08 4.53
CA VAL A 164 16.90 6.64 4.69
C VAL A 164 16.12 7.07 3.45
N LEU A 165 15.54 6.10 2.74
CA LEU A 165 14.74 6.31 1.56
C LEU A 165 13.27 6.24 1.96
N VAL A 166 12.49 7.25 1.57
CA VAL A 166 11.18 7.43 2.04
C VAL A 166 10.21 7.70 0.92
N ASN A 167 9.01 7.14 1.03
CA ASN A 167 7.84 7.55 0.23
C ASN A 167 6.73 7.92 1.17
N ALA A 168 5.98 8.97 0.86
CA ALA A 168 4.71 9.26 1.54
C ALA A 168 3.63 9.37 0.49
N VAL A 169 2.45 8.86 0.84
N VAL A 169 2.44 8.88 0.81
CA VAL A 169 1.25 8.94 0.00
CA VAL A 169 1.29 9.03 -0.08
C VAL A 169 0.14 9.52 0.82
C VAL A 169 0.07 9.41 0.74
N TYR A 170 -0.72 10.34 0.18
CA TYR A 170 -1.90 10.87 0.84
C TYR A 170 -3.01 10.90 -0.13
N PHE A 171 -4.20 10.43 0.29
CA PHE A 171 -5.38 10.46 -0.55
C PHE A 171 -6.60 10.92 0.28
N LYS A 172 -7.37 11.87 -0.27
CA LYS A 172 -8.66 12.19 0.29
C LYS A 172 -9.65 12.38 -0.82
N GLY A 173 -10.67 11.53 -0.83
CA GLY A 173 -11.70 11.55 -1.85
C GLY A 173 -13.08 11.51 -1.22
N LYS A 174 -14.05 11.87 -2.03
CA LYS A 174 -15.45 11.80 -1.62
C LYS A 174 -16.11 10.80 -2.50
N TRP A 175 -17.09 10.10 -1.97
CA TRP A 175 -17.80 9.15 -2.80
C TRP A 175 -18.55 9.86 -3.94
N LYS A 176 -18.74 9.18 -5.05
CA LYS A 176 -19.52 9.75 -6.16
C LYS A 176 -20.95 9.99 -5.65
N THR A 177 -21.45 9.06 -4.84
CA THR A 177 -22.79 9.13 -4.22
C THR A 177 -22.57 8.94 -2.73
N PRO A 178 -23.02 9.89 -1.91
CA PRO A 178 -22.86 9.71 -0.49
C PRO A 178 -23.62 8.53 0.08
N PHE A 179 -23.13 8.02 1.20
CA PHE A 179 -23.86 7.05 2.00
C PHE A 179 -24.74 7.77 3.00
N GLU A 180 -25.80 7.08 3.42
CA GLU A 180 -26.56 7.43 4.62
C GLU A 180 -25.93 6.71 5.82
N LYS A 181 -25.66 7.43 6.91
CA LYS A 181 -25.21 6.80 8.14
C LYS A 181 -26.45 6.24 8.82
N LYS A 182 -26.51 4.91 8.94
CA LYS A 182 -27.75 4.17 9.20
C LYS A 182 -28.21 4.24 10.66
N LEU A 186 -26.74 0.43 14.66
CA LEU A 186 -25.66 -0.58 14.67
C LEU A 186 -26.12 -1.98 14.29
N PHE A 187 -25.28 -2.67 13.53
CA PHE A 187 -25.60 -3.97 13.01
C PHE A 187 -24.51 -4.91 13.54
N PRO A 188 -24.85 -6.19 13.78
CA PRO A 188 -23.81 -7.16 14.13
C PRO A 188 -22.88 -7.48 12.96
N PHE A 189 -21.59 -7.41 13.23
CA PHE A 189 -20.57 -7.82 12.27
C PHE A 189 -20.03 -9.17 12.73
N ARG A 190 -20.00 -10.19 11.86
N ARG A 190 -20.05 -10.18 11.87
CA ARG A 190 -19.55 -11.56 12.22
CA ARG A 190 -19.50 -11.44 12.29
C ARG A 190 -18.02 -11.69 12.13
C ARG A 190 -18.00 -11.37 12.14
N VAL A 191 -17.30 -11.50 13.25
CA VAL A 191 -15.85 -11.53 13.24
C VAL A 191 -15.35 -12.96 12.98
N ASN A 192 -15.94 -13.91 13.68
CA ASN A 192 -15.61 -15.30 13.48
C ASN A 192 -16.78 -16.12 13.98
N SER A 193 -16.67 -17.43 13.91
CA SER A 193 -17.81 -18.28 14.26
C SER A 193 -18.28 -18.17 15.72
N ALA A 194 -17.48 -17.54 16.56
CA ALA A 194 -17.77 -17.42 18.01
C ALA A 194 -17.96 -15.96 18.44
N GLN A 195 -17.85 -14.99 17.51
CA GLN A 195 -17.90 -13.59 17.88
C GLN A 195 -18.58 -12.69 16.84
N ARG A 196 -19.50 -11.88 17.34
CA ARG A 196 -20.13 -10.80 16.60
C ARG A 196 -19.89 -9.53 17.39
N THR A 197 -19.64 -8.45 16.67
CA THR A 197 -19.43 -7.17 17.27
C THR A 197 -20.28 -6.10 16.55
N PRO A 198 -20.93 -5.22 17.31
CA PRO A 198 -21.73 -4.22 16.63
C PRO A 198 -20.87 -3.19 15.89
N VAL A 199 -21.31 -2.79 14.69
CA VAL A 199 -20.68 -1.73 13.93
C VAL A 199 -21.70 -0.80 13.35
N GLN A 200 -21.28 0.45 13.20
CA GLN A 200 -22.04 1.43 12.50
C GLN A 200 -21.99 1.13 11.00
N MET A 201 -23.15 0.90 10.42
CA MET A 201 -23.24 0.68 9.00
C MET A 201 -23.63 1.92 8.23
N MET A 202 -23.23 1.95 6.97
CA MET A 202 -23.58 2.99 6.02
C MET A 202 -24.34 2.31 4.89
N TYR A 203 -25.39 2.97 4.35
CA TYR A 203 -26.27 2.39 3.34
C TYR A 203 -26.36 3.32 2.14
N LEU A 204 -26.37 2.68 0.98
CA LEU A 204 -26.47 3.36 -0.30
C LEU A 204 -27.29 2.46 -1.17
N ARG A 205 -28.24 3.03 -1.93
CA ARG A 205 -28.84 2.26 -3.01
C ARG A 205 -28.54 3.02 -4.29
N GLU A 206 -27.84 2.40 -5.23
CA GLU A 206 -27.29 3.13 -6.39
C GLU A 206 -26.97 2.20 -7.55
N LYS A 207 -26.90 2.75 -8.75
CA LYS A 207 -26.42 2.01 -9.93
C LYS A 207 -24.89 1.85 -9.80
N LEU A 208 -24.44 0.60 -9.68
CA LEU A 208 -23.03 0.32 -9.38
C LEU A 208 -22.64 -0.97 -10.10
N ASN A 209 -21.35 -1.11 -10.40
CA ASN A 209 -20.82 -2.34 -10.95
C ASN A 209 -20.68 -3.40 -9.86
N ILE A 210 -21.24 -4.57 -10.11
CA ILE A 210 -21.22 -5.68 -9.16
C ILE A 210 -21.06 -7.00 -9.91
N GLY A 211 -20.33 -7.94 -9.34
CA GLY A 211 -20.06 -9.18 -10.01
C GLY A 211 -19.72 -10.25 -9.02
N TYR A 212 -19.27 -11.38 -9.51
CA TYR A 212 -18.99 -12.51 -8.65
C TYR A 212 -17.88 -13.30 -9.26
N ILE A 213 -16.84 -13.51 -8.49
CA ILE A 213 -15.66 -14.21 -8.96
C ILE A 213 -15.77 -15.65 -8.50
N GLU A 214 -16.15 -16.52 -9.43
CA GLU A 214 -16.44 -17.90 -9.04
C GLU A 214 -15.23 -18.60 -8.44
N ASP A 215 -14.07 -18.37 -9.04
CA ASP A 215 -12.80 -19.00 -8.63
C ASP A 215 -12.46 -18.72 -7.18
N LEU A 216 -12.96 -17.59 -6.68
CA LEU A 216 -12.66 -17.09 -5.34
C LEU A 216 -13.88 -17.11 -4.43
N LYS A 217 -15.01 -17.57 -4.95
CA LYS A 217 -16.25 -17.65 -4.24
C LYS A 217 -16.56 -16.33 -3.52
N ALA A 218 -16.46 -15.22 -4.23
CA ALA A 218 -16.63 -13.94 -3.61
C ALA A 218 -17.36 -12.95 -4.53
N GLN A 219 -18.21 -12.11 -3.93
CA GLN A 219 -18.76 -10.97 -4.60
C GLN A 219 -17.71 -9.88 -4.76
N ILE A 220 -17.83 -9.13 -5.86
CA ILE A 220 -16.99 -7.96 -6.03
C ILE A 220 -17.86 -6.76 -6.35
N LEU A 221 -17.60 -5.64 -5.67
CA LEU A 221 -18.32 -4.39 -5.82
C LEU A 221 -17.32 -3.27 -6.08
N GLU A 222 -17.69 -2.36 -7.00
CA GLU A 222 -16.90 -1.14 -7.20
C GLU A 222 -17.68 0.02 -6.65
N LEU A 223 -17.05 0.79 -5.77
CA LEU A 223 -17.58 2.05 -5.25
C LEU A 223 -16.71 3.19 -5.76
N PRO A 224 -17.21 3.97 -6.74
CA PRO A 224 -16.39 5.05 -7.27
C PRO A 224 -16.32 6.25 -6.35
N TYR A 225 -15.16 6.87 -6.28
CA TYR A 225 -15.03 8.21 -5.77
C TYR A 225 -15.38 9.15 -6.91
N ALA A 226 -15.48 10.45 -6.61
CA ALA A 226 -15.51 11.43 -7.68
C ALA A 226 -14.16 11.34 -8.37
N GLY A 227 -14.13 11.40 -9.70
CA GLY A 227 -12.89 11.22 -10.42
C GLY A 227 -12.55 9.74 -10.62
N ASP A 228 -11.36 9.51 -11.17
CA ASP A 228 -10.97 8.21 -11.65
C ASP A 228 -10.23 7.36 -10.61
N VAL A 229 -10.79 7.32 -9.42
CA VAL A 229 -10.31 6.44 -8.36
C VAL A 229 -11.55 5.69 -7.84
N SER A 230 -11.39 4.40 -7.53
CA SER A 230 -12.50 3.65 -6.94
C SER A 230 -11.97 2.77 -5.82
N MET A 231 -12.89 2.34 -4.94
CA MET A 231 -12.66 1.22 -4.03
C MET A 231 -13.33 -0.02 -4.62
N PHE A 232 -12.60 -1.12 -4.66
CA PHE A 232 -13.18 -2.43 -4.93
C PHE A 232 -13.22 -3.24 -3.64
N LEU A 233 -14.36 -3.92 -3.41
CA LEU A 233 -14.50 -4.75 -2.20
C LEU A 233 -14.75 -6.16 -2.60
N LEU A 234 -14.10 -7.11 -1.91
CA LEU A 234 -14.22 -8.52 -2.25
C LEU A 234 -14.78 -9.20 -1.00
N LEU A 235 -15.96 -9.82 -1.15
CA LEU A 235 -16.75 -10.32 0.00
C LEU A 235 -17.12 -11.78 -0.20
N PRO A 236 -16.50 -12.70 0.57
CA PRO A 236 -16.83 -14.14 0.42
C PRO A 236 -18.32 -14.41 0.60
N ASP A 237 -18.82 -15.41 -0.11
CA ASP A 237 -20.17 -15.86 0.23
C ASP A 237 -20.14 -17.34 0.57
N ALA A 240 -16.61 -20.61 4.45
CA ALA A 240 -16.11 -21.99 4.49
C ALA A 240 -14.99 -22.17 5.49
N ASP A 241 -14.82 -21.19 6.38
CA ASP A 241 -13.94 -21.41 7.52
C ASP A 241 -14.59 -20.77 8.74
N VAL A 242 -14.20 -21.26 9.92
CA VAL A 242 -14.83 -20.86 11.22
C VAL A 242 -14.16 -19.64 11.82
N SER A 243 -13.29 -19.07 11.03
CA SER A 243 -12.46 -17.94 11.40
C SER A 243 -13.06 -16.77 10.66
N THR A 244 -12.25 -16.09 9.86
CA THR A 244 -12.69 -14.87 9.18
C THR A 244 -13.54 -15.13 7.93
N GLY A 245 -13.48 -16.34 7.40
CA GLY A 245 -14.19 -16.69 6.16
C GLY A 245 -13.43 -16.30 4.89
N LEU A 246 -12.24 -15.79 5.10
CA LEU A 246 -11.38 -15.31 3.99
C LEU A 246 -10.31 -16.24 3.50
N GLU A 247 -10.20 -17.42 4.11
CA GLU A 247 -9.06 -18.29 3.82
C GLU A 247 -8.96 -18.65 2.33
N LEU A 248 -10.11 -19.00 1.75
CA LEU A 248 -10.15 -19.36 0.33
C LEU A 248 -9.79 -18.18 -0.56
N LEU A 249 -10.43 -17.05 -0.33
CA LEU A 249 -10.16 -15.86 -1.09
C LEU A 249 -8.67 -15.49 -1.01
N GLU A 250 -8.10 -15.43 0.19
CA GLU A 250 -6.71 -15.03 0.35
C GLU A 250 -5.75 -16.02 -0.27
N SER A 251 -6.05 -17.31 -0.18
CA SER A 251 -5.11 -18.30 -0.73
C SER A 251 -5.10 -18.34 -2.26
N GLU A 252 -6.24 -18.04 -2.89
CA GLU A 252 -6.44 -18.32 -4.32
C GLU A 252 -6.39 -17.05 -5.20
N ILE A 253 -6.48 -15.88 -4.58
CA ILE A 253 -6.42 -14.64 -5.35
C ILE A 253 -5.08 -14.56 -6.09
N THR A 254 -5.17 -14.14 -7.35
CA THR A 254 -4.03 -13.88 -8.19
C THR A 254 -4.31 -12.67 -9.05
N TYR A 255 -3.25 -12.13 -9.66
CA TYR A 255 -3.40 -11.02 -10.57
C TYR A 255 -4.41 -11.29 -11.68
N ASP A 256 -4.29 -12.46 -12.31
CA ASP A 256 -5.14 -12.80 -13.45
C ASP A 256 -6.60 -12.78 -13.01
N LYS A 257 -6.87 -13.39 -11.85
CA LYS A 257 -8.25 -13.54 -11.34
C LYS A 257 -8.84 -12.21 -10.92
N LEU A 258 -8.04 -11.34 -10.31
CA LEU A 258 -8.52 -10.04 -9.90
C LEU A 258 -8.66 -9.06 -11.04
N ASN A 259 -7.64 -8.99 -11.90
CA ASN A 259 -7.59 -7.98 -12.91
C ASN A 259 -8.72 -8.11 -13.93
N LYS A 260 -9.12 -9.35 -14.20
CA LYS A 260 -10.27 -9.65 -15.06
C LYS A 260 -11.49 -8.85 -14.60
N TRP A 261 -11.64 -8.75 -13.29
CA TRP A 261 -12.83 -8.12 -12.70
C TRP A 261 -12.69 -6.63 -12.37
N THR A 262 -11.49 -6.16 -12.07
CA THR A 262 -11.33 -4.75 -11.75
C THR A 262 -11.18 -3.90 -13.00
N SER A 263 -10.68 -4.51 -14.06
CA SER A 263 -10.13 -3.71 -15.10
C SER A 263 -10.59 -4.25 -16.45
N LYS A 266 -15.89 -6.97 -16.96
CA LYS A 266 -16.65 -8.18 -16.58
C LYS A 266 -17.81 -7.80 -15.70
N MET A 267 -17.72 -6.65 -15.03
CA MET A 267 -18.85 -6.24 -14.22
C MET A 267 -19.91 -5.50 -15.04
N ALA A 268 -21.14 -5.75 -14.65
CA ALA A 268 -22.27 -5.08 -15.24
C ALA A 268 -22.92 -4.22 -14.15
N GLU A 269 -23.41 -3.06 -14.54
CA GLU A 269 -24.08 -2.17 -13.62
C GLU A 269 -25.49 -2.64 -13.28
N ASP A 270 -25.86 -2.51 -12.02
CA ASP A 270 -27.23 -2.81 -11.55
C ASP A 270 -27.54 -1.92 -10.39
N GLU A 271 -28.79 -1.91 -9.92
CA GLU A 271 -29.15 -1.10 -8.82
C GLU A 271 -28.86 -1.89 -7.55
N VAL A 272 -27.84 -1.52 -6.79
CA VAL A 272 -27.43 -2.36 -5.65
C VAL A 272 -27.73 -1.64 -4.39
N GLU A 273 -28.18 -2.41 -3.37
CA GLU A 273 -28.29 -1.93 -2.02
C GLU A 273 -26.98 -2.37 -1.33
N VAL A 274 -26.26 -1.39 -0.85
CA VAL A 274 -24.93 -1.59 -0.24
C VAL A 274 -24.99 -1.25 1.22
N TYR A 275 -24.48 -2.17 2.07
CA TYR A 275 -24.26 -1.88 3.46
C TYR A 275 -22.79 -2.17 3.75
N ILE A 276 -22.05 -1.14 4.10
CA ILE A 276 -20.66 -1.34 4.54
C ILE A 276 -20.42 -0.63 5.88
N PRO A 277 -19.47 -1.12 6.67
CA PRO A 277 -19.18 -0.42 7.90
C PRO A 277 -18.45 0.90 7.73
N GLN A 278 -18.68 1.79 8.67
CA GLN A 278 -17.82 2.92 8.82
C GLN A 278 -16.67 2.34 9.60
N PHE A 279 -15.45 2.58 9.12
CA PHE A 279 -14.26 2.11 9.83
C PHE A 279 -13.01 2.95 9.63
N LYS A 280 -12.07 2.79 10.55
CA LYS A 280 -10.78 3.45 10.46
C LYS A 280 -9.73 2.45 10.89
N LEU A 281 -8.66 2.30 10.11
CA LEU A 281 -7.56 1.41 10.44
C LEU A 281 -6.29 2.18 10.50
N GLU A 282 -5.34 1.70 11.29
N GLU A 282 -5.38 1.71 11.33
CA GLU A 282 -4.01 2.30 11.39
CA GLU A 282 -4.04 2.20 11.35
C GLU A 282 -3.02 1.18 11.75
C GLU A 282 -3.18 0.99 11.65
N GLU A 283 -2.20 0.76 10.78
CA GLU A 283 -1.31 -0.38 10.95
C GLU A 283 0.14 -0.04 10.68
N HIS A 284 1.02 -0.63 11.47
CA HIS A 284 2.46 -0.45 11.38
C HIS A 284 3.14 -1.79 11.13
N TYR A 285 4.03 -1.86 10.15
CA TYR A 285 4.76 -3.09 9.80
C TYR A 285 6.25 -2.85 9.72
N GLU A 286 6.99 -3.88 10.00
CA GLU A 286 8.44 -3.95 9.83
C GLU A 286 8.66 -5.10 8.90
N LEU A 287 9.08 -4.81 7.68
CA LEU A 287 8.99 -5.83 6.61
C LEU A 287 10.20 -6.66 6.29
N ARG A 288 11.26 -6.50 7.01
CA ARG A 288 12.45 -7.32 6.72
C ARG A 288 12.14 -8.83 6.68
N SER A 289 11.45 -9.29 7.69
CA SER A 289 11.16 -10.76 7.77
C SER A 289 10.35 -11.22 6.56
N ILE A 290 9.36 -10.39 6.19
CA ILE A 290 8.45 -10.70 5.11
C ILE A 290 9.22 -10.73 3.80
N LEU A 291 10.02 -9.69 3.57
CA LEU A 291 10.74 -9.59 2.31
C LEU A 291 11.80 -10.66 2.18
N ARG A 292 12.47 -10.99 3.27
CA ARG A 292 13.41 -12.16 3.28
C ARG A 292 12.69 -13.44 2.89
N SER A 293 11.52 -13.65 3.49
CA SER A 293 10.66 -14.80 3.16
C SER A 293 10.26 -14.87 1.67
N MET A 294 10.10 -13.72 1.03
CA MET A 294 9.72 -13.63 -0.36
C MET A 294 10.89 -13.81 -1.32
N GLY A 295 12.09 -13.81 -0.78
CA GLY A 295 13.29 -14.06 -1.57
C GLY A 295 14.30 -12.96 -1.64
N MET A 296 14.06 -11.87 -0.90
CA MET A 296 14.94 -10.75 -0.91
C MET A 296 15.88 -10.89 0.28
N GLU A 297 16.84 -11.81 0.15
CA GLU A 297 17.70 -12.17 1.26
C GLU A 297 18.98 -11.35 1.37
N ASP A 298 19.74 -11.25 0.29
CA ASP A 298 21.07 -10.64 0.40
C ASP A 298 21.00 -9.13 0.78
N ALA A 299 19.93 -8.45 0.41
CA ALA A 299 19.80 -7.01 0.72
C ALA A 299 19.90 -6.73 2.18
N PHE A 300 19.34 -7.64 2.99
CA PHE A 300 19.30 -7.47 4.42
C PHE A 300 20.46 -8.21 5.16
N ASN A 301 21.40 -8.77 4.41
CA ASN A 301 22.46 -9.58 5.00
C ASN A 301 23.69 -8.72 5.12
N LYS A 302 24.06 -8.39 6.35
CA LYS A 302 25.13 -7.45 6.58
C LYS A 302 26.42 -7.80 5.85
N GLY A 303 26.72 -9.09 5.73
CA GLY A 303 27.95 -9.52 5.08
C GLY A 303 27.86 -9.61 3.57
N ARG A 304 26.67 -9.89 3.06
CA ARG A 304 26.49 -10.21 1.65
C ARG A 304 25.90 -9.07 0.78
N ALA A 305 25.26 -8.11 1.41
CA ALA A 305 24.51 -7.10 0.68
C ALA A 305 25.48 -6.37 -0.26
N ASN A 306 25.00 -6.02 -1.45
CA ASN A 306 25.76 -5.25 -2.43
C ASN A 306 24.92 -4.06 -2.88
N PHE A 307 25.23 -2.92 -2.27
CA PHE A 307 24.71 -1.63 -2.65
C PHE A 307 25.80 -0.71 -3.17
N SER A 308 26.65 -1.27 -4.02
CA SER A 308 27.67 -0.50 -4.72
C SER A 308 27.11 0.57 -5.62
N GLY A 309 25.84 0.46 -6.01
CA GLY A 309 25.22 1.49 -6.82
C GLY A 309 25.08 2.75 -5.99
N MET A 310 24.83 2.63 -4.68
CA MET A 310 24.73 3.80 -3.79
C MET A 310 26.09 4.34 -3.41
N SER A 311 27.04 3.42 -3.24
CA SER A 311 28.37 3.81 -2.79
C SER A 311 29.41 2.87 -3.32
N GLU A 312 30.42 3.41 -3.99
CA GLU A 312 31.39 2.51 -4.59
C GLU A 312 32.20 1.78 -3.53
N ARG A 313 32.23 2.28 -2.31
CA ARG A 313 32.86 1.54 -1.22
C ARG A 313 32.18 0.21 -0.87
N ASN A 314 30.95 0.00 -1.32
CA ASN A 314 30.24 -1.24 -1.03
C ASN A 314 30.23 -1.56 0.47
N ASP A 315 29.79 -0.56 1.24
CA ASP A 315 29.85 -0.56 2.70
C ASP A 315 28.47 -0.34 3.33
N LEU A 316 27.43 -0.79 2.62
CA LEU A 316 26.04 -0.60 3.06
C LEU A 316 25.23 -1.88 2.98
N PHE A 317 24.25 -1.99 3.89
CA PHE A 317 23.22 -2.99 3.79
C PHE A 317 21.89 -2.40 4.26
N LEU A 318 20.83 -3.11 3.94
CA LEU A 318 19.49 -2.68 4.28
C LEU A 318 19.16 -3.25 5.65
N SER A 319 19.00 -2.39 6.65
N SER A 319 18.93 -2.39 6.63
CA SER A 319 18.73 -2.90 7.99
CA SER A 319 18.69 -2.85 8.00
C SER A 319 17.28 -3.33 8.18
C SER A 319 17.26 -3.26 8.32
N GLU A 320 16.33 -2.47 7.81
CA GLU A 320 14.90 -2.72 8.03
C GLU A 320 14.11 -1.81 7.12
N VAL A 321 12.85 -2.15 6.89
CA VAL A 321 11.92 -1.43 6.10
C VAL A 321 10.65 -1.21 6.92
N PHE A 322 10.28 0.05 7.15
CA PHE A 322 9.17 0.41 8.00
C PHE A 322 8.03 0.96 7.15
N HIS A 323 6.81 0.45 7.35
CA HIS A 323 5.65 0.88 6.61
C HIS A 323 4.52 1.14 7.57
N GLN A 324 3.83 2.28 7.42
CA GLN A 324 2.70 2.59 8.27
C GLN A 324 1.63 3.13 7.35
N ALA A 325 0.40 2.70 7.52
CA ALA A 325 -0.70 3.05 6.65
C ALA A 325 -1.96 3.23 7.45
N MET A 326 -2.81 4.17 7.07
CA MET A 326 -4.07 4.38 7.74
C MET A 326 -5.14 4.66 6.70
N VAL A 327 -6.40 4.35 7.07
CA VAL A 327 -7.54 4.67 6.22
C VAL A 327 -8.70 5.03 7.14
N ASP A 328 -9.55 5.96 6.69
CA ASP A 328 -10.75 6.38 7.44
C ASP A 328 -11.84 6.42 6.40
N VAL A 329 -12.81 5.53 6.49
CA VAL A 329 -13.88 5.39 5.51
C VAL A 329 -15.17 5.86 6.17
N ASN A 330 -15.85 6.82 5.52
CA ASN A 330 -17.09 7.37 6.07
C ASN A 330 -18.06 7.66 4.96
N GLU A 331 -19.10 8.46 5.23
CA GLU A 331 -20.25 8.52 4.32
C GLU A 331 -20.08 9.56 3.27
N GLU A 332 -19.10 10.43 3.44
CA GLU A 332 -19.08 11.71 2.68
C GLU A 332 -19.00 11.54 1.16
N GLY A 333 -19.88 12.26 0.46
CA GLY A 333 -20.03 12.15 -0.98
C GLY A 333 -20.10 13.53 -1.61
N THR A 334 -20.03 13.60 -2.93
CA THR A 334 -19.84 14.92 -3.54
C THR A 334 -21.11 15.80 -3.53
N THR A 345 -35.59 7.50 -3.26
CA THR A 345 -36.62 7.67 -2.23
C THR A 345 -37.88 6.90 -2.62
N GLY A 346 -38.46 6.23 -1.63
CA GLY A 346 -39.70 5.49 -1.84
C GLY A 346 -39.51 4.05 -2.28
N ARG A 347 -38.29 3.68 -2.68
CA ARG A 347 -38.02 2.35 -3.19
C ARG A 347 -38.15 1.27 -2.11
N THR A 348 -38.98 0.27 -2.40
CA THR A 348 -39.50 -0.66 -1.39
C THR A 348 -39.19 -2.15 -1.65
N GLY A 349 -38.89 -2.50 -2.91
CA GLY A 349 -38.58 -3.89 -3.26
C GLY A 349 -37.15 -4.23 -2.88
N HIS A 350 -36.87 -5.55 -2.89
CA HIS A 350 -35.55 -6.12 -2.55
C HIS A 350 -35.33 -7.41 -3.34
N GLY A 351 -35.71 -7.38 -4.61
CA GLY A 351 -35.59 -8.54 -5.49
C GLY A 351 -34.19 -8.76 -5.96
N GLY A 352 -33.44 -7.67 -6.11
CA GLY A 352 -32.16 -7.69 -6.77
C GLY A 352 -30.99 -7.63 -5.81
N PRO A 353 -29.82 -7.24 -6.34
CA PRO A 353 -28.59 -7.40 -5.59
C PRO A 353 -28.39 -6.60 -4.31
N GLN A 354 -27.81 -7.31 -3.36
CA GLN A 354 -27.43 -6.80 -2.09
C GLN A 354 -25.93 -7.01 -1.96
N PHE A 355 -25.26 -6.08 -1.32
CA PHE A 355 -23.87 -6.30 -0.92
C PHE A 355 -23.80 -5.87 0.55
N VAL A 356 -23.80 -6.87 1.43
CA VAL A 356 -23.94 -6.63 2.83
C VAL A 356 -22.62 -7.06 3.49
N ALA A 357 -21.75 -6.09 3.75
CA ALA A 357 -20.40 -6.38 4.22
C ALA A 357 -20.44 -6.38 5.75
N ASP A 358 -21.15 -7.36 6.27
CA ASP A 358 -21.26 -7.58 7.75
C ASP A 358 -20.44 -8.77 8.19
N HIS A 359 -19.42 -9.11 7.38
CA HIS A 359 -18.44 -10.07 7.73
C HIS A 359 -17.16 -9.69 6.99
N PRO A 360 -16.02 -10.29 7.34
CA PRO A 360 -14.73 -9.79 6.79
C PRO A 360 -14.63 -9.80 5.25
N PHE A 361 -13.92 -8.80 4.78
CA PHE A 361 -13.75 -8.56 3.36
C PHE A 361 -12.36 -8.00 3.09
N LEU A 362 -11.92 -8.19 1.85
CA LEU A 362 -10.77 -7.47 1.33
C LEU A 362 -11.24 -6.21 0.58
N PHE A 363 -10.38 -5.19 0.56
CA PHE A 363 -10.68 -4.00 -0.20
C PHE A 363 -9.41 -3.37 -0.75
N LEU A 364 -9.57 -2.62 -1.84
CA LEU A 364 -8.43 -1.98 -2.42
C LEU A 364 -8.88 -0.70 -3.07
N ILE A 365 -7.99 0.29 -3.09
CA ILE A 365 -8.22 1.59 -3.74
C ILE A 365 -7.35 1.64 -4.98
N MET A 366 -8.03 1.77 -6.12
N MET A 366 -8.03 1.75 -6.12
CA MET A 366 -7.41 1.66 -7.44
CA MET A 366 -7.40 1.68 -7.44
C MET A 366 -7.38 3.00 -8.17
C MET A 366 -7.35 3.06 -8.07
N HIS A 367 -6.21 3.35 -8.67
CA HIS A 367 -6.06 4.54 -9.54
C HIS A 367 -6.40 4.04 -10.93
N LYS A 368 -7.57 4.37 -11.44
CA LYS A 368 -8.08 3.71 -12.63
C LYS A 368 -7.27 3.95 -13.91
N ILE A 369 -6.65 5.12 -14.02
CA ILE A 369 -5.90 5.51 -15.22
C ILE A 369 -4.66 4.65 -15.37
N THR A 370 -3.95 4.41 -14.29
CA THR A 370 -2.68 3.66 -14.31
C THR A 370 -2.93 2.18 -14.06
N ASN A 371 -4.09 1.85 -13.46
CA ASN A 371 -4.41 0.50 -12.95
C ASN A 371 -3.45 0.10 -11.78
N CYS A 372 -2.95 1.10 -11.06
N CYS A 372 -2.93 1.09 -11.06
CA CYS A 372 -2.18 0.86 -9.85
CA CYS A 372 -2.07 0.84 -9.90
C CYS A 372 -3.06 0.73 -8.63
C CYS A 372 -2.92 0.80 -8.61
N ILE A 373 -2.69 -0.24 -7.79
CA ILE A 373 -3.29 -0.39 -6.49
C ILE A 373 -2.61 0.62 -5.56
N LEU A 374 -3.35 1.61 -5.08
CA LEU A 374 -2.79 2.55 -4.14
C LEU A 374 -2.79 2.04 -2.70
N PHE A 375 -3.88 1.37 -2.33
CA PHE A 375 -4.05 0.82 -1.00
C PHE A 375 -4.77 -0.50 -1.05
N PHE A 376 -4.46 -1.39 -0.11
CA PHE A 376 -5.05 -2.73 -0.09
C PHE A 376 -5.18 -3.16 1.38
N GLY A 377 -6.32 -3.74 1.73
CA GLY A 377 -6.49 -4.17 3.09
C GLY A 377 -7.47 -5.32 3.29
N ARG A 378 -7.49 -5.77 4.54
CA ARG A 378 -8.45 -6.74 5.07
C ARG A 378 -9.13 -6.08 6.24
N PHE A 379 -10.45 -5.98 6.14
CA PHE A 379 -11.27 -5.50 7.28
C PHE A 379 -11.94 -6.70 7.89
N SER A 380 -11.53 -7.01 9.12
CA SER A 380 -12.06 -8.19 9.79
C SER A 380 -12.56 -7.97 11.18
N SER A 381 -12.20 -6.87 11.81
CA SER A 381 -12.40 -6.71 13.26
C SER A 381 -12.78 -5.26 13.59
N PRO A 382 -14.05 -4.97 13.77
CA PRO A 382 -14.40 -3.58 14.14
C PRO A 382 -13.90 -3.19 15.51
C ACE B 1 -14.51 8.48 2.14
O ACE B 1 -14.71 7.47 2.83
CH3 ACE B 1 -15.65 9.40 1.76
N THR B 2 -13.28 8.90 1.88
CA THR B 2 -12.12 8.15 2.37
C THR B 2 -10.90 9.04 2.47
N GLU B 3 -10.26 9.03 3.62
CA GLU B 3 -8.95 9.63 3.82
C GLU B 3 -8.01 8.45 4.05
N ALA B 4 -6.93 8.41 3.27
CA ALA B 4 -5.92 7.36 3.44
C ALA B 4 -4.55 7.92 3.29
N ALA B 5 -3.58 7.33 3.99
CA ALA B 5 -2.23 7.77 3.89
C ALA B 5 -1.24 6.66 4.26
N ALA B 6 0.00 6.82 3.86
CA ALA B 6 1.02 5.84 4.19
C ALA B 6 2.39 6.46 4.10
N GLY B 7 3.31 5.85 4.80
CA GLY B 7 4.71 6.09 4.67
C GLY B 7 5.50 4.81 4.61
N MET B 8 6.62 4.89 3.93
CA MET B 8 7.53 3.80 3.76
C MET B 8 8.91 4.33 3.94
N GLY B 9 9.75 3.65 4.72
CA GLY B 9 11.11 4.13 5.02
C GLY B 9 12.02 2.92 4.95
N GLY B 10 13.02 2.95 4.09
CA GLY B 10 14.04 1.93 4.10
C GLY B 10 15.31 2.50 4.69
N VAL B 11 15.89 1.82 5.67
CA VAL B 11 17.08 2.28 6.39
C VAL B 11 18.31 1.58 5.91
N MET B 12 19.25 2.35 5.33
CA MET B 12 20.55 1.81 4.87
C MET B 12 21.54 2.07 5.95
N THR B 13 22.32 1.04 6.28
CA THR B 13 23.21 1.09 7.42
C THR B 13 24.62 0.78 6.94
N GLY B 14 25.59 1.48 7.53
CA GLY B 14 27.01 1.25 7.21
C GLY B 14 27.56 0.01 7.85
N ARG B 15 28.53 -0.61 7.19
CA ARG B 15 29.17 -1.80 7.74
C ARG B 15 30.68 -1.67 7.51
#